data_3EEK
#
_entry.id   3EEK
#
_cell.length_a   42.753
_cell.length_b   42.753
_cell.length_c   230.448
_cell.angle_alpha   90.000
_cell.angle_beta   90.000
_cell.angle_gamma   90.000
#
_symmetry.space_group_name_H-M   'P 41'
#
loop_
_entity.id
_entity.type
_entity.pdbx_description
1 polymer 'Dihydrofolate reductase'
2 non-polymer 'NADPH DIHYDRO-NICOTINAMIDE-ADENINE-DINUCLEOTIDE PHOSPHATE'
3 non-polymer "5-[(3R)-3-(5-methoxy-4'-methylbiphenyl-3-yl)but-1-yn-1-yl]-6-methylpyrimidine-2,4-diamine"
4 water water
#
_entity_poly.entity_id   1
_entity_poly.type   'polypeptide(L)'
_entity_poly.pdbx_seq_one_letter_code
;MSKVPVVGIVAALLPEMGIGFQGNLPWRLAKEMKYFREVTTLTNDNSKQNVVIMGRKTWESIPQKFRPLPKRINVVVSRS
FDGELRKVEDGIYHSNSLRNCLTALQSSLANENKIERIYIIGGGEIYRQSMDLADHWLITKIMPLPETTIPQMDTFLQKQ
ELEQRFYDNSDKLVDFLPSSIQLEGRLTSQEWNGELVKGLPVQEKGYQFYFTLYTKKLEHHHHHHHH
;
_entity_poly.pdbx_strand_id   A,B
#
loop_
_chem_comp.id
_chem_comp.type
_chem_comp.name
_chem_comp.formula
53S non-polymer 5-[(3R)-3-(5-methoxy-4'-methylbiphenyl-3-yl)but-1-yn-1-yl]-6-methylpyrimidine-2,4-diamine 'C23 H24 N4 O'
NDP non-polymer 'NADPH DIHYDRO-NICOTINAMIDE-ADENINE-DINUCLEOTIDE PHOSPHATE' 'C21 H30 N7 O17 P3'
#
# COMPACT_ATOMS: atom_id res chain seq x y z
N LYS A 3 15.21 3.83 7.53
CA LYS A 3 16.30 4.58 8.26
C LYS A 3 16.29 6.08 8.02
N VAL A 4 16.02 6.50 6.78
CA VAL A 4 15.75 7.92 6.49
C VAL A 4 14.20 8.19 6.57
N PRO A 5 13.77 9.26 7.26
CA PRO A 5 12.31 9.46 7.39
C PRO A 5 11.64 9.73 6.03
N VAL A 6 10.45 9.15 5.83
CA VAL A 6 9.63 9.34 4.65
C VAL A 6 8.41 10.20 5.06
N VAL A 7 8.33 11.41 4.50
CA VAL A 7 7.35 12.44 4.94
C VAL A 7 6.53 12.86 3.73
N GLY A 8 5.23 12.65 3.79
CA GLY A 8 4.37 13.16 2.79
C GLY A 8 4.09 14.61 3.15
N ILE A 9 4.04 15.45 2.14
CA ILE A 9 3.81 16.86 2.36
C ILE A 9 2.80 17.36 1.31
N VAL A 10 1.79 18.11 1.80
CA VAL A 10 0.57 18.40 1.01
C VAL A 10 -0.14 19.62 1.58
N ALA A 11 -0.79 20.37 0.70
CA ALA A 11 -1.67 21.51 1.06
C ALA A 11 -3.11 21.03 0.74
N ALA A 12 -4.00 21.00 1.73
CA ALA A 12 -5.33 20.41 1.52
C ALA A 12 -6.46 21.33 2.03
N LEU A 13 -7.55 21.44 1.27
CA LEU A 13 -8.68 22.31 1.72
C LEU A 13 -9.68 21.57 2.56
N LEU A 14 -9.92 22.02 3.78
CA LEU A 14 -10.90 21.36 4.63
C LEU A 14 -12.31 21.72 4.16
N PRO A 15 -13.31 20.89 4.48
CA PRO A 15 -13.25 19.61 5.19
C PRO A 15 -12.99 18.37 4.36
N GLU A 16 -13.11 18.47 3.04
CA GLU A 16 -12.89 17.29 2.13
C GLU A 16 -11.40 16.93 1.85
N MET A 17 -10.48 17.80 2.25
CA MET A 17 -9.03 17.67 1.95
C MET A 17 -8.81 17.63 0.45
N GLY A 18 -9.43 18.59 -0.21
CA GLY A 18 -9.25 18.72 -1.67
C GLY A 18 -7.85 19.29 -1.91
N ILE A 19 -7.16 18.83 -2.96
CA ILE A 19 -5.76 19.23 -3.19
C ILE A 19 -5.50 19.70 -4.64
N GLY A 20 -6.45 19.46 -5.55
CA GLY A 20 -6.24 19.81 -6.95
C GLY A 20 -7.51 19.91 -7.78
N PHE A 21 -7.35 20.51 -8.96
CA PHE A 21 -8.43 20.62 -9.94
C PHE A 21 -7.81 20.77 -11.32
N GLN A 22 -8.21 19.91 -12.22
CA GLN A 22 -7.76 19.96 -13.61
C GLN A 22 -6.26 20.04 -13.81
N GLY A 23 -5.53 19.20 -13.05
CA GLY A 23 -4.05 19.11 -13.14
C GLY A 23 -3.27 20.19 -12.42
N ASN A 24 -3.97 21.12 -11.77
CA ASN A 24 -3.35 22.26 -11.07
C ASN A 24 -3.80 22.40 -9.61
N LEU A 25 -3.02 23.16 -8.86
CA LEU A 25 -3.34 23.54 -7.50
C LEU A 25 -4.58 24.45 -7.61
N PRO A 26 -5.57 24.31 -6.68
CA PRO A 26 -6.80 25.16 -6.72
C PRO A 26 -6.62 26.59 -6.11
N TRP A 27 -5.44 26.91 -5.62
CA TRP A 27 -5.17 28.26 -5.09
C TRP A 27 -3.70 28.58 -5.48
N ARG A 28 -3.34 29.84 -5.25
CA ARG A 28 -2.00 30.37 -5.48
C ARG A 28 -1.65 31.16 -4.23
N LEU A 29 -0.92 30.51 -3.33
CA LEU A 29 -0.64 31.10 -2.05
C LEU A 29 0.87 31.13 -1.90
N ALA A 30 1.45 32.34 -2.12
CA ALA A 30 2.91 32.55 -1.99
C ALA A 30 3.54 32.11 -0.66
N LYS A 31 2.85 32.38 0.45
CA LYS A 31 3.32 31.92 1.77
C LYS A 31 3.33 30.38 2.06
N GLU A 32 2.35 29.73 1.48
CA GLU A 32 2.20 28.30 1.62
C GLU A 32 3.34 27.67 0.79
N MET A 33 3.51 28.19 -0.44
CA MET A 33 4.53 27.74 -1.36
C MET A 33 5.95 27.98 -0.80
N LYS A 34 6.14 29.09 -0.08
CA LYS A 34 7.40 29.43 0.61
C LYS A 34 7.70 28.38 1.68
N TYR A 35 6.68 28.10 2.51
CA TYR A 35 6.78 26.97 3.46
C TYR A 35 7.20 25.68 2.81
N PHE A 36 6.50 25.29 1.72
CA PHE A 36 6.82 24.04 1.04
C PHE A 36 8.31 24.01 0.56
N ARG A 37 8.70 25.06 -0.16
CA ARG A 37 10.08 25.30 -0.57
C ARG A 37 11.12 25.17 0.56
N GLU A 38 10.99 25.96 1.60
CA GLU A 38 11.89 25.87 2.71
C GLU A 38 11.97 24.53 3.41
N VAL A 39 10.82 23.92 3.72
CA VAL A 39 10.77 22.61 4.40
C VAL A 39 11.51 21.54 3.59
N THR A 40 11.13 21.41 2.31
CA THR A 40 11.74 20.41 1.41
C THR A 40 13.22 20.68 1.05
N THR A 41 13.60 21.95 0.98
CA THR A 41 15.00 22.32 0.66
C THR A 41 15.96 22.17 1.83
N LEU A 42 15.60 22.80 2.97
CA LEU A 42 16.42 22.86 4.16
C LEU A 42 16.67 21.51 4.86
N THR A 43 17.88 21.41 5.38
CA THR A 43 18.31 20.26 6.14
C THR A 43 18.94 20.77 7.44
N ASN A 44 18.93 19.93 8.48
CA ASN A 44 19.76 20.21 9.64
C ASN A 44 21.25 19.98 9.38
N ASP A 45 21.60 18.95 8.64
CA ASP A 45 22.98 18.70 8.25
C ASP A 45 23.26 19.34 6.88
N ASN A 46 24.16 20.34 6.88
CA ASN A 46 24.57 21.12 5.67
C ASN A 46 25.17 20.36 4.50
N SER A 47 25.64 19.14 4.75
CA SER A 47 26.23 18.29 3.69
C SER A 47 25.19 17.32 3.10
N LYS A 48 23.94 17.35 3.62
CA LYS A 48 22.89 16.51 3.07
C LYS A 48 21.91 17.34 2.23
N GLN A 49 21.15 16.65 1.39
CA GLN A 49 20.02 17.24 0.69
C GLN A 49 18.81 16.38 0.97
N ASN A 50 17.61 16.89 0.71
CA ASN A 50 16.39 16.06 0.72
C ASN A 50 16.06 15.50 -0.64
N VAL A 51 15.30 14.41 -0.64
CA VAL A 51 14.68 13.94 -1.89
C VAL A 51 13.23 14.47 -1.93
N VAL A 52 12.78 14.83 -3.15
CA VAL A 52 11.33 15.03 -3.41
C VAL A 52 10.93 14.03 -4.48
N ILE A 53 9.93 13.21 -4.16
CA ILE A 53 9.37 12.27 -5.09
C ILE A 53 7.93 12.65 -5.52
N MET A 54 7.70 12.55 -6.82
CA MET A 54 6.39 12.99 -7.34
C MET A 54 5.95 12.11 -8.50
N GLY A 55 4.64 11.98 -8.68
CA GLY A 55 4.15 11.31 -9.86
C GLY A 55 4.34 12.16 -11.12
N ARG A 56 4.23 11.49 -12.25
CA ARG A 56 4.48 12.07 -13.55
C ARG A 56 3.54 13.26 -13.83
N LYS A 57 2.24 13.12 -13.50
CA LYS A 57 1.32 14.19 -13.78
C LYS A 57 1.65 15.45 -12.97
N THR A 58 2.11 15.28 -11.72
CA THR A 58 2.53 16.41 -10.89
C THR A 58 3.74 17.18 -11.47
N TRP A 59 4.76 16.40 -11.85
CA TRP A 59 5.93 16.91 -12.59
C TRP A 59 5.54 17.81 -13.82
N GLU A 60 4.58 17.32 -14.58
CA GLU A 60 4.18 17.99 -15.79
C GLU A 60 3.38 19.27 -15.52
N SER A 61 2.91 19.43 -14.30
CA SER A 61 2.23 20.64 -13.95
C SER A 61 3.10 21.69 -13.29
N ILE A 62 4.34 21.33 -12.89
CA ILE A 62 5.23 22.33 -12.35
C ILE A 62 5.68 23.22 -13.53
N PRO A 63 5.58 24.55 -13.38
CA PRO A 63 6.13 25.40 -14.51
C PRO A 63 7.59 25.01 -14.95
N GLN A 64 7.85 24.97 -16.26
CA GLN A 64 9.18 24.54 -16.76
C GLN A 64 10.40 25.32 -16.27
N LYS A 65 10.24 26.62 -15.98
CA LYS A 65 11.34 27.39 -15.41
C LYS A 65 11.69 26.95 -14.01
N PHE A 66 10.76 26.31 -13.34
CA PHE A 66 10.96 25.98 -11.93
C PHE A 66 11.23 24.50 -11.63
N ARG A 67 11.43 23.69 -12.64
CA ARG A 67 11.71 22.28 -12.45
C ARG A 67 13.04 21.96 -13.20
N PRO A 68 13.89 21.06 -12.65
CA PRO A 68 13.58 20.34 -11.41
C PRO A 68 13.70 21.29 -10.20
N LEU A 69 13.00 20.95 -9.11
CA LEU A 69 13.03 21.79 -7.93
C LEU A 69 14.48 21.88 -7.44
N PRO A 70 15.03 23.12 -7.39
CA PRO A 70 16.40 23.34 -6.90
C PRO A 70 16.74 22.84 -5.50
N LYS A 71 17.98 22.35 -5.42
CA LYS A 71 18.66 22.07 -4.17
C LYS A 71 18.05 20.83 -3.52
N ARG A 72 17.26 20.09 -4.31
CA ARG A 72 16.66 18.79 -3.90
C ARG A 72 16.87 17.77 -5.01
N ILE A 73 17.11 16.53 -4.61
CA ILE A 73 17.01 15.46 -5.54
C ILE A 73 15.54 15.22 -5.98
N ASN A 74 15.25 15.35 -7.27
CA ASN A 74 13.89 15.13 -7.79
C ASN A 74 13.80 13.73 -8.35
N VAL A 75 12.72 13.02 -7.99
CA VAL A 75 12.42 11.73 -8.54
C VAL A 75 11.01 11.82 -9.08
N VAL A 76 10.88 11.45 -10.34
CA VAL A 76 9.60 11.38 -11.05
C VAL A 76 9.27 9.89 -11.31
N VAL A 77 8.04 9.49 -10.95
CA VAL A 77 7.63 8.12 -11.15
C VAL A 77 6.60 8.01 -12.23
N SER A 78 6.84 7.06 -13.11
CA SER A 78 5.94 6.73 -14.24
C SER A 78 6.08 5.24 -14.48
N ARG A 79 4.96 4.57 -14.73
CA ARG A 79 5.03 3.16 -15.02
C ARG A 79 5.68 2.86 -16.36
N SER A 80 5.80 3.87 -17.24
CA SER A 80 6.52 3.75 -18.52
C SER A 80 8.06 4.06 -18.48
N PHE A 81 8.59 4.30 -17.27
CA PHE A 81 10.03 4.48 -17.10
C PHE A 81 10.71 3.12 -16.93
N ASP A 82 12.05 3.10 -16.98
CA ASP A 82 12.84 1.84 -17.15
C ASP A 82 13.06 0.88 -15.98
N GLY A 83 13.34 1.41 -14.80
CA GLY A 83 13.25 0.67 -13.53
C GLY A 83 13.71 1.72 -12.57
N GLU A 84 14.31 1.37 -11.45
CA GLU A 84 13.58 1.35 -10.22
C GLU A 84 14.11 2.73 -9.71
N LEU A 85 15.27 3.15 -10.26
CA LEU A 85 15.87 4.47 -9.96
C LEU A 85 17.07 4.74 -10.88
N ARG A 86 16.86 5.61 -11.87
CA ARG A 86 17.83 5.85 -12.90
C ARG A 86 18.06 7.37 -13.03
N LYS A 87 19.33 7.84 -13.07
CA LYS A 87 19.61 9.26 -13.35
C LYS A 87 19.29 9.52 -14.81
N VAL A 88 18.45 10.52 -15.12
CA VAL A 88 18.18 10.88 -16.51
C VAL A 88 18.68 12.29 -16.88
N GLU A 89 18.86 13.18 -15.91
CA GLU A 89 19.40 14.54 -16.17
C GLU A 89 19.96 15.04 -14.85
N ASP A 90 20.69 16.15 -14.87
CA ASP A 90 21.20 16.68 -13.63
C ASP A 90 20.02 17.03 -12.71
N GLY A 91 20.02 16.44 -11.51
CA GLY A 91 18.93 16.71 -10.56
C GLY A 91 17.66 15.92 -10.76
N ILE A 92 17.62 15.05 -11.81
CA ILE A 92 16.42 14.25 -12.15
C ILE A 92 16.70 12.75 -12.26
N TYR A 93 16.00 12.02 -11.40
CA TYR A 93 15.90 10.55 -11.45
C TYR A 93 14.53 10.14 -11.91
N HIS A 94 14.50 9.11 -12.74
CA HIS A 94 13.25 8.44 -13.09
C HIS A 94 13.13 7.08 -12.43
N SER A 95 11.89 6.75 -12.04
CA SER A 95 11.57 5.48 -11.48
C SER A 95 10.25 4.99 -12.05
N ASN A 96 10.21 3.71 -12.31
CA ASN A 96 8.92 3.07 -12.63
C ASN A 96 8.20 2.46 -11.42
N SER A 97 8.61 2.81 -10.20
CA SER A 97 8.06 2.21 -8.98
C SER A 97 8.23 3.04 -7.72
N LEU A 98 7.14 3.55 -7.18
CA LEU A 98 7.18 4.33 -5.93
C LEU A 98 7.89 3.54 -4.78
N ARG A 99 7.38 2.33 -4.54
CA ARG A 99 7.93 1.40 -3.53
C ARG A 99 9.41 1.07 -3.72
N ASN A 100 9.78 0.67 -4.94
CA ASN A 100 11.16 0.17 -5.17
C ASN A 100 12.12 1.36 -5.17
N CYS A 101 11.63 2.47 -5.68
CA CYS A 101 12.34 3.73 -5.58
C CYS A 101 12.65 4.10 -4.13
N LEU A 102 11.69 3.93 -3.22
CA LEU A 102 11.94 4.18 -1.80
C LEU A 102 13.01 3.22 -1.16
N THR A 103 12.90 1.94 -1.47
CA THR A 103 13.92 0.96 -1.01
C THR A 103 15.32 1.31 -1.53
N ALA A 104 15.39 1.62 -2.82
CA ALA A 104 16.62 2.07 -3.45
C ALA A 104 17.22 3.32 -2.79
N LEU A 105 16.42 4.38 -2.64
CA LEU A 105 16.87 5.60 -1.94
C LEU A 105 17.38 5.39 -0.52
N GLN A 106 16.85 4.37 0.16
CA GLN A 106 17.24 3.98 1.51
C GLN A 106 18.55 3.18 1.67
N SER A 107 19.07 2.59 0.60
CA SER A 107 20.36 1.92 0.67
C SER A 107 21.47 2.93 0.98
N SER A 108 22.13 2.72 2.12
CA SER A 108 23.24 3.56 2.55
C SER A 108 24.41 3.43 1.56
N LEU A 109 24.51 2.32 0.85
CA LEU A 109 25.59 2.19 -0.12
C LEU A 109 25.37 3.11 -1.32
N ALA A 110 24.13 3.16 -1.80
CA ALA A 110 23.75 4.06 -2.88
C ALA A 110 23.83 5.53 -2.41
N ASN A 111 23.34 5.77 -1.20
CA ASN A 111 23.02 7.14 -0.74
C ASN A 111 24.11 7.81 0.12
N GLU A 112 25.07 6.98 0.57
CA GLU A 112 26.24 7.44 1.33
C GLU A 112 25.85 8.16 2.60
N ASN A 113 24.69 7.84 3.15
CA ASN A 113 24.07 8.62 4.19
C ASN A 113 24.07 10.16 3.98
N LYS A 114 23.91 10.62 2.74
CA LYS A 114 23.78 12.06 2.44
C LYS A 114 22.38 12.64 1.98
N ILE A 115 21.30 11.86 2.16
CA ILE A 115 19.85 12.23 2.06
C ILE A 115 19.64 12.34 3.57
N GLU A 116 19.28 13.51 4.08
CA GLU A 116 18.32 13.68 5.17
C GLU A 116 16.90 13.17 5.30
N ARG A 117 15.96 13.66 4.47
CA ARG A 117 14.61 13.16 4.44
C ARG A 117 14.19 12.92 3.03
N ILE A 118 13.17 12.11 2.91
CA ILE A 118 12.51 11.88 1.66
C ILE A 118 11.09 12.45 1.77
N TYR A 119 10.78 13.45 0.93
CA TYR A 119 9.46 14.10 0.88
C TYR A 119 8.73 13.59 -0.31
N ILE A 120 7.50 13.19 -0.05
CA ILE A 120 6.60 12.77 -1.08
C ILE A 120 5.65 13.95 -1.32
N ILE A 121 5.76 14.50 -2.53
CA ILE A 121 5.18 15.81 -2.82
C ILE A 121 4.00 15.77 -3.80
N GLY A 122 3.44 14.57 -4.05
CA GLY A 122 2.18 14.49 -4.77
C GLY A 122 2.24 13.68 -6.05
N GLY A 123 1.10 13.48 -6.76
CA GLY A 123 -0.20 14.09 -6.41
C GLY A 123 -1.16 13.07 -5.84
N GLY A 124 -2.45 13.13 -6.22
CA GLY A 124 -3.51 12.25 -5.67
C GLY A 124 -3.16 10.75 -5.66
N GLU A 125 -2.73 10.24 -6.80
CA GLU A 125 -2.42 8.84 -6.96
C GLU A 125 -1.29 8.44 -6.07
N ILE A 126 -0.24 9.26 -6.08
CA ILE A 126 0.96 9.00 -5.31
C ILE A 126 0.64 9.02 -3.82
N TYR A 127 -0.12 10.04 -3.37
CA TYR A 127 -0.58 10.13 -1.96
C TYR A 127 -1.43 8.95 -1.47
N ARG A 128 -2.37 8.49 -2.30
CA ARG A 128 -3.17 7.27 -2.04
C ARG A 128 -2.25 6.10 -1.68
N GLN A 129 -1.18 5.93 -2.44
CA GLN A 129 -0.26 4.84 -2.23
C GLN A 129 0.74 5.07 -1.07
N SER A 130 0.80 6.28 -0.53
CA SER A 130 1.87 6.61 0.41
C SER A 130 1.40 6.51 1.83
N MET A 131 0.12 6.24 2.05
CA MET A 131 -0.41 6.13 3.42
C MET A 131 0.33 5.02 4.16
N ASP A 132 0.67 3.96 3.44
CA ASP A 132 1.37 2.90 4.15
C ASP A 132 2.86 3.06 4.07
N LEU A 133 3.36 4.08 3.42
CA LEU A 133 4.81 4.22 3.25
C LEU A 133 5.38 5.34 4.11
N ALA A 134 4.61 6.41 4.34
CA ALA A 134 5.11 7.56 5.08
C ALA A 134 5.17 7.35 6.57
N ASP A 135 6.21 7.91 7.19
CA ASP A 135 6.30 7.91 8.65
C ASP A 135 5.52 9.10 9.27
N HIS A 136 5.39 10.19 8.49
CA HIS A 136 4.78 11.42 8.93
C HIS A 136 4.06 12.04 7.74
N TRP A 137 3.15 12.97 8.03
CA TRP A 137 2.54 13.87 7.05
C TRP A 137 2.61 15.33 7.52
N LEU A 138 3.14 16.17 6.65
CA LEU A 138 3.04 17.63 6.83
C LEU A 138 1.88 18.07 5.93
N ILE A 139 0.79 18.43 6.59
CA ILE A 139 -0.41 18.81 5.89
C ILE A 139 -0.64 20.27 6.22
N THR A 140 -0.69 21.11 5.19
CA THR A 140 -1.25 22.44 5.37
C THR A 140 -2.80 22.36 5.25
N LYS A 141 -3.49 22.62 6.33
CA LYS A 141 -4.94 22.58 6.39
C LYS A 141 -5.51 23.96 5.99
N ILE A 142 -6.11 24.02 4.81
CA ILE A 142 -6.57 25.29 4.26
C ILE A 142 -8.12 25.47 4.44
N MET A 143 -8.55 26.67 4.84
CA MET A 143 -9.97 26.99 5.08
C MET A 143 -10.32 28.29 4.39
N PRO A 144 -11.42 28.32 3.63
CA PRO A 144 -11.87 29.58 3.02
C PRO A 144 -12.37 30.48 4.16
N LEU A 145 -11.94 31.74 4.17
CA LEU A 145 -12.46 32.72 5.14
C LEU A 145 -13.98 32.93 4.87
N PRO A 146 -14.75 33.52 5.83
CA PRO A 146 -16.19 33.71 5.63
C PRO A 146 -16.71 34.14 4.24
N GLU A 147 -16.12 35.14 3.59
CA GLU A 147 -16.69 35.57 2.28
C GLU A 147 -15.96 35.00 1.05
N THR A 148 -15.17 33.95 1.26
CA THR A 148 -14.41 33.33 0.20
C THR A 148 -15.19 32.21 -0.48
N THR A 149 -15.32 32.29 -1.80
CA THR A 149 -15.80 31.15 -2.58
C THR A 149 -14.93 29.86 -2.37
N ILE A 150 -15.55 28.75 -2.00
CA ILE A 150 -14.83 27.47 -2.02
C ILE A 150 -14.43 27.12 -3.45
N PRO A 151 -13.11 26.89 -3.74
CA PRO A 151 -12.73 26.59 -5.13
C PRO A 151 -13.22 25.20 -5.51
N GLN A 152 -13.45 25.01 -6.79
CA GLN A 152 -13.77 23.71 -7.38
C GLN A 152 -12.55 22.75 -7.27
N MET A 153 -12.79 21.48 -6.96
CA MET A 153 -11.72 20.49 -6.84
C MET A 153 -12.16 19.07 -7.21
N ASP A 154 -11.22 18.21 -7.57
CA ASP A 154 -11.46 17.04 -8.42
C ASP A 154 -10.46 15.93 -7.84
N THR A 155 -9.62 16.31 -6.87
CA THR A 155 -8.54 15.42 -6.29
C THR A 155 -8.43 15.71 -4.79
N PHE A 156 -8.29 14.65 -4.02
CA PHE A 156 -8.53 14.68 -2.55
C PHE A 156 -7.51 13.76 -1.88
N LEU A 157 -7.02 14.18 -0.70
CA LEU A 157 -6.27 13.33 0.21
C LEU A 157 -7.29 12.34 0.84
N GLN A 158 -6.86 11.11 1.11
CA GLN A 158 -7.70 10.11 1.77
C GLN A 158 -7.67 10.36 3.28
N LYS A 159 -8.52 11.26 3.74
CA LYS A 159 -8.59 11.69 5.14
C LYS A 159 -8.98 10.50 6.01
N GLN A 160 -9.81 9.59 5.49
CA GLN A 160 -10.20 8.42 6.32
C GLN A 160 -8.96 7.62 6.69
N GLU A 161 -8.14 7.38 5.70
CA GLU A 161 -6.99 6.54 5.93
C GLU A 161 -5.81 7.16 6.64
N LEU A 162 -5.42 8.39 6.31
CA LEU A 162 -4.97 9.37 7.28
C LEU A 162 -5.26 9.15 8.75
N GLU A 163 -6.52 9.25 9.12
CA GLU A 163 -6.82 9.34 10.53
C GLU A 163 -7.03 8.00 11.27
N GLN A 164 -7.40 6.93 10.59
CA GLN A 164 -6.74 5.63 10.74
C GLN A 164 -5.31 5.33 11.13
N ARG A 165 -4.33 5.81 10.36
CA ARG A 165 -2.98 5.39 10.60
C ARG A 165 -2.24 6.41 11.41
N PHE A 166 -2.67 7.68 11.39
CA PHE A 166 -1.83 8.74 11.96
C PHE A 166 -2.61 9.54 13.00
N TYR A 167 -1.90 10.18 13.90
CA TYR A 167 -2.57 11.08 14.82
C TYR A 167 -2.02 12.49 14.59
N ASP A 168 -2.81 13.49 14.96
CA ASP A 168 -2.35 14.90 14.86
C ASP A 168 -1.27 15.15 15.91
N ASN A 169 -0.03 15.26 15.43
CA ASN A 169 1.12 15.47 16.29
C ASN A 169 1.59 16.92 16.18
N SER A 170 0.66 17.85 15.92
CA SER A 170 1.07 19.25 15.62
C SER A 170 1.80 20.00 16.75
N ASP A 171 1.62 19.56 17.99
CA ASP A 171 2.41 20.06 19.15
C ASP A 171 3.92 19.93 18.92
N LYS A 172 4.33 19.00 18.07
CA LYS A 172 5.74 18.75 17.85
C LYS A 172 6.20 19.28 16.48
N LEU A 173 5.32 20.01 15.80
CA LEU A 173 5.64 20.54 14.46
C LEU A 173 6.96 21.34 14.40
N VAL A 174 7.10 22.36 15.26
CA VAL A 174 8.25 23.28 15.33
C VAL A 174 9.56 22.55 15.49
N ASP A 175 9.55 21.57 16.38
CA ASP A 175 10.64 20.68 16.67
C ASP A 175 10.98 19.74 15.48
N PHE A 176 9.96 19.37 14.72
CA PHE A 176 10.14 18.45 13.59
C PHE A 176 10.70 19.17 12.38
N LEU A 177 10.38 20.46 12.23
CA LEU A 177 10.90 21.21 11.08
C LEU A 177 12.41 21.45 11.16
N PRO A 178 13.07 21.57 9.98
CA PRO A 178 14.50 21.87 10.02
C PRO A 178 14.74 23.18 10.80
N SER A 179 15.78 23.24 11.60
CA SER A 179 15.82 24.27 12.65
C SER A 179 16.03 25.69 12.17
N SER A 180 16.39 25.88 10.91
CA SER A 180 16.54 27.26 10.44
C SER A 180 15.26 27.92 9.89
N ILE A 181 14.19 27.14 9.71
CA ILE A 181 12.92 27.69 9.21
C ILE A 181 12.36 28.66 10.23
N GLN A 182 11.73 29.73 9.77
CA GLN A 182 11.10 30.66 10.71
C GLN A 182 9.60 30.81 10.43
N LEU A 183 8.80 30.47 11.43
CA LEU A 183 7.36 30.58 11.29
C LEU A 183 6.88 31.82 12.02
N GLU A 184 5.91 32.52 11.46
CA GLU A 184 5.36 33.72 12.11
C GLU A 184 4.18 33.47 13.05
N GLY A 185 3.49 32.35 12.93
CA GLY A 185 2.41 32.06 13.88
C GLY A 185 2.90 31.50 15.22
N ARG A 186 2.01 31.46 16.22
CA ARG A 186 2.20 30.52 17.33
C ARG A 186 1.12 29.44 17.30
N LEU A 187 1.47 28.29 17.86
CA LEU A 187 0.54 27.17 17.90
C LEU A 187 -0.83 27.41 18.60
N THR A 188 -1.92 26.82 18.08
CA THR A 188 -3.28 27.50 17.93
C THR A 188 -4.21 26.29 17.69
N SER A 189 -5.20 26.06 18.56
CA SER A 189 -6.30 25.05 18.31
C SER A 189 -7.61 25.78 18.04
N GLN A 190 -8.25 25.52 16.90
CA GLN A 190 -9.45 26.23 16.54
C GLN A 190 -10.43 25.22 16.03
N GLU A 191 -11.67 25.33 16.48
CA GLU A 191 -12.72 24.54 15.84
C GLU A 191 -13.18 25.09 14.46
N TRP A 192 -13.41 24.19 13.52
CA TRP A 192 -13.89 24.63 12.21
C TRP A 192 -14.73 23.57 11.62
N ASN A 193 -15.99 23.90 11.36
CA ASN A 193 -16.97 22.93 10.90
C ASN A 193 -16.97 21.60 11.64
N GLY A 194 -16.88 21.67 12.96
CA GLY A 194 -16.96 20.45 13.74
C GLY A 194 -15.65 19.69 13.93
N GLU A 195 -14.55 20.19 13.36
CA GLU A 195 -13.24 19.52 13.53
C GLU A 195 -12.19 20.40 14.27
N LEU A 196 -11.39 19.76 15.10
CA LEU A 196 -10.24 20.40 15.72
C LEU A 196 -9.10 20.61 14.66
N VAL A 197 -8.73 21.88 14.51
CA VAL A 197 -7.64 22.33 13.63
C VAL A 197 -6.54 22.90 14.49
N LYS A 198 -5.45 22.16 14.60
CA LYS A 198 -4.31 22.54 15.45
C LYS A 198 -3.02 22.67 14.62
N GLY A 199 -2.30 23.78 14.81
CA GLY A 199 -1.07 24.07 14.09
C GLY A 199 -0.64 25.53 14.15
N LEU A 200 0.09 25.96 13.14
CA LEU A 200 0.63 27.31 13.06
C LEU A 200 -0.07 28.08 11.94
N PRO A 201 -0.87 29.11 12.33
CA PRO A 201 -1.87 29.86 11.49
C PRO A 201 -1.03 30.74 10.55
N VAL A 202 -1.30 30.77 9.26
CA VAL A 202 -1.40 31.93 8.43
C VAL A 202 -2.67 32.31 7.72
N GLN A 203 -2.72 33.56 7.27
CA GLN A 203 -3.75 34.05 6.32
C GLN A 203 -3.09 34.64 5.10
N GLU A 204 -3.69 34.38 3.95
CA GLU A 204 -3.29 34.99 2.71
C GLU A 204 -4.41 34.87 1.69
N LYS A 205 -4.62 35.94 0.93
CA LYS A 205 -5.74 36.07 0.00
C LYS A 205 -7.01 35.73 0.78
N GLY A 206 -7.83 34.83 0.26
CA GLY A 206 -9.14 34.60 0.91
C GLY A 206 -9.18 33.48 1.94
N TYR A 207 -8.00 33.06 2.38
CA TYR A 207 -7.85 31.80 3.16
C TYR A 207 -7.10 31.95 4.45
N GLN A 208 -7.54 31.19 5.44
CA GLN A 208 -6.69 30.92 6.56
C GLN A 208 -6.12 29.51 6.43
N PHE A 209 -4.86 29.31 6.79
CA PHE A 209 -4.30 27.92 6.76
C PHE A 209 -3.42 27.60 7.97
N TYR A 210 -3.34 26.31 8.33
CA TYR A 210 -2.54 25.90 9.46
C TYR A 210 -1.55 24.85 8.97
N PHE A 211 -0.28 25.08 9.28
CA PHE A 211 0.76 24.07 9.20
C PHE A 211 0.59 23.04 10.33
N THR A 212 0.39 21.77 9.95
CA THR A 212 0.17 20.67 10.93
C THR A 212 1.14 19.50 10.67
N LEU A 213 1.35 18.67 11.68
CA LEU A 213 2.12 17.45 11.56
C LEU A 213 1.33 16.23 12.02
N TYR A 214 1.26 15.22 11.17
CA TYR A 214 0.67 13.93 11.52
C TYR A 214 1.77 12.88 11.57
N THR A 215 1.69 12.07 12.64
CA THR A 215 2.69 11.03 13.03
C THR A 215 2.02 9.64 13.15
N LYS A 216 2.75 8.57 12.81
CA LYS A 216 2.16 7.22 12.77
C LYS A 216 1.74 6.87 14.21
N LYS A 217 0.53 6.33 14.36
CA LYS A 217 0.05 5.90 15.67
C LYS A 217 0.93 4.72 16.14
N LEU A 218 0.99 4.57 17.45
CA LEU A 218 1.72 3.47 18.12
C LEU A 218 1.16 2.12 17.59
N GLU A 219 2.04 1.14 17.35
CA GLU A 219 1.65 -0.18 16.88
C GLU A 219 1.87 -1.24 17.96
N HIS A 220 0.93 -2.17 18.08
CA HIS A 220 1.14 -3.37 18.88
C HIS A 220 2.25 -4.25 18.26
N HIS A 221 2.90 -5.02 19.15
CA HIS A 221 3.93 -5.96 18.75
C HIS A 221 3.29 -7.34 18.50
N HIS A 222 2.95 -7.57 17.25
CA HIS A 222 2.33 -8.82 16.84
C HIS A 222 3.35 -9.90 16.36
N HIS A 223 4.36 -9.48 15.59
CA HIS A 223 5.39 -10.38 15.00
C HIS A 223 6.58 -9.42 14.83
N HIS A 224 7.74 -9.75 15.34
CA HIS A 224 9.07 -9.74 14.71
C HIS A 224 9.75 -10.94 14.03
N HIS A 225 10.12 -10.72 12.78
CA HIS A 225 10.76 -11.78 12.00
C HIS A 225 12.04 -12.32 12.65
N HIS A 226 12.06 -13.65 12.91
CA HIS A 226 13.29 -14.34 13.36
C HIS A 226 13.88 -15.34 12.38
N HIS A 227 15.21 -15.38 12.34
CA HIS A 227 15.89 -16.43 11.56
C HIS A 227 16.02 -17.70 12.40
N LYS B 3 -18.60 -4.02 -5.29
CA LYS B 3 -17.21 -4.49 -5.59
C LYS B 3 -17.17 -6.02 -5.41
N VAL B 4 -16.21 -6.63 -6.08
CA VAL B 4 -15.90 -8.09 -6.05
C VAL B 4 -14.91 -8.20 -4.85
N PRO B 5 -15.03 -9.21 -3.97
CA PRO B 5 -14.00 -9.34 -2.90
C PRO B 5 -12.60 -9.68 -3.42
N VAL B 6 -11.58 -9.07 -2.80
CA VAL B 6 -10.16 -9.34 -3.03
C VAL B 6 -9.65 -10.24 -1.87
N VAL B 7 -9.15 -11.41 -2.24
CA VAL B 7 -8.79 -12.39 -1.23
C VAL B 7 -7.37 -12.84 -1.48
N GLY B 8 -6.50 -12.59 -0.52
CA GLY B 8 -5.16 -13.12 -0.60
C GLY B 8 -5.24 -14.59 -0.18
N ILE B 9 -4.58 -15.45 -0.93
CA ILE B 9 -4.55 -16.88 -0.59
C ILE B 9 -3.10 -17.38 -0.62
N VAL B 10 -2.70 -18.10 0.45
CA VAL B 10 -1.27 -18.37 0.72
C VAL B 10 -1.13 -19.57 1.65
N ALA B 11 -0.05 -20.33 1.46
CA ALA B 11 0.35 -21.39 2.35
C ALA B 11 1.66 -20.94 3.03
N ALA B 12 1.65 -20.89 4.37
CA ALA B 12 2.75 -20.30 5.14
C ALA B 12 3.15 -21.24 6.32
N LEU B 13 4.46 -21.40 6.54
CA LEU B 13 4.93 -22.24 7.64
C LEU B 13 5.08 -21.45 8.92
N LEU B 14 4.40 -21.83 9.98
CA LEU B 14 4.60 -21.19 11.27
C LEU B 14 5.95 -21.55 11.91
N PRO B 15 6.47 -20.71 12.82
CA PRO B 15 5.91 -19.44 13.27
C PRO B 15 6.25 -18.22 12.41
N GLU B 16 7.25 -18.33 11.53
CA GLU B 16 7.75 -17.17 10.74
C GLU B 16 6.85 -16.82 9.55
N MET B 17 5.89 -17.69 9.22
CA MET B 17 5.07 -17.57 7.98
C MET B 17 5.95 -17.60 6.72
N GLY B 18 6.86 -18.57 6.70
CA GLY B 18 7.72 -18.73 5.53
C GLY B 18 6.87 -19.32 4.43
N ILE B 19 7.07 -18.86 3.19
CA ILE B 19 6.27 -19.28 2.01
C ILE B 19 7.08 -19.78 0.78
N GLY B 20 8.39 -19.52 0.76
CA GLY B 20 9.17 -19.84 -0.43
C GLY B 20 10.64 -19.96 -0.13
N PHE B 21 11.34 -20.65 -1.03
CA PHE B 21 12.82 -20.75 -1.02
C PHE B 21 13.32 -20.95 -2.45
N GLN B 22 14.30 -20.17 -2.85
CA GLN B 22 14.83 -20.19 -4.22
C GLN B 22 13.80 -20.28 -5.38
N GLY B 23 12.74 -19.46 -5.30
CA GLY B 23 11.78 -19.35 -6.39
C GLY B 23 10.73 -20.45 -6.41
N ASN B 24 10.77 -21.35 -5.42
CA ASN B 24 9.84 -22.48 -5.27
C ASN B 24 9.14 -22.56 -3.92
N LEU B 25 8.09 -23.36 -3.90
CA LEU B 25 7.38 -23.70 -2.66
C LEU B 25 8.36 -24.60 -1.88
N PRO B 26 8.45 -24.43 -0.54
CA PRO B 26 9.37 -25.23 0.32
C PRO B 26 8.85 -26.65 0.69
N TRP B 27 7.67 -27.02 0.22
CA TRP B 27 7.05 -28.32 0.44
C TRP B 27 6.26 -28.65 -0.85
N ARG B 28 5.88 -29.93 -0.96
CA ARG B 28 5.02 -30.41 -2.00
C ARG B 28 3.88 -31.17 -1.32
N LEU B 29 2.73 -30.55 -1.22
CA LEU B 29 1.63 -31.14 -0.52
C LEU B 29 0.41 -31.16 -1.46
N ALA B 30 0.10 -32.37 -1.98
CA ALA B 30 -1.08 -32.56 -2.84
C ALA B 30 -2.43 -32.12 -2.25
N LYS B 31 -2.67 -32.38 -0.97
CA LYS B 31 -3.92 -31.97 -0.32
C LYS B 31 -4.05 -30.43 -0.19
N GLU B 32 -2.92 -29.78 0.06
CA GLU B 32 -2.87 -28.33 0.15
C GLU B 32 -3.15 -27.76 -1.25
N MET B 33 -2.42 -28.27 -2.25
CA MET B 33 -2.61 -27.86 -3.64
C MET B 33 -4.06 -28.05 -4.13
N LYS B 34 -4.70 -29.11 -3.64
CA LYS B 34 -6.06 -29.47 -4.01
C LYS B 34 -7.05 -28.42 -3.51
N TYR B 35 -6.91 -28.06 -2.22
CA TYR B 35 -7.61 -26.91 -1.63
C TYR B 35 -7.41 -25.64 -2.43
N PHE B 36 -6.16 -25.31 -2.76
CA PHE B 36 -5.90 -24.07 -3.48
C PHE B 36 -6.65 -24.07 -4.85
N ARG B 37 -6.45 -25.14 -5.60
CA ARG B 37 -7.17 -25.43 -6.82
C ARG B 37 -8.68 -25.27 -6.74
N GLU B 38 -9.30 -25.99 -5.82
CA GLU B 38 -10.73 -25.94 -5.67
C GLU B 38 -11.24 -24.56 -5.27
N VAL B 39 -10.59 -23.89 -4.31
CA VAL B 39 -11.09 -22.58 -3.83
C VAL B 39 -11.01 -21.53 -4.95
N THR B 40 -9.86 -21.44 -5.59
CA THR B 40 -9.66 -20.49 -6.70
C THR B 40 -10.48 -20.78 -7.96
N THR B 41 -10.75 -22.07 -8.22
CA THR B 41 -11.58 -22.46 -9.35
C THR B 41 -13.06 -22.32 -9.12
N LEU B 42 -13.56 -22.96 -8.05
CA LEU B 42 -14.98 -23.06 -7.81
C LEU B 42 -15.63 -21.70 -7.57
N THR B 43 -16.86 -21.56 -8.07
CA THR B 43 -17.66 -20.37 -7.78
C THR B 43 -19.03 -20.80 -7.21
N ASN B 44 -19.67 -19.89 -6.50
CA ASN B 44 -21.06 -20.07 -6.15
C ASN B 44 -22.04 -19.93 -7.31
N ASP B 45 -21.78 -18.98 -8.20
CA ASP B 45 -22.56 -18.77 -9.40
C ASP B 45 -21.74 -19.33 -10.58
N ASN B 46 -22.26 -20.36 -11.25
CA ASN B 46 -21.53 -21.04 -12.37
C ASN B 46 -21.49 -20.45 -13.78
N SER B 47 -22.19 -19.36 -14.09
CA SER B 47 -21.76 -18.19 -14.85
C SER B 47 -20.55 -17.31 -14.63
N LYS B 48 -20.00 -17.32 -13.40
CA LYS B 48 -18.81 -16.56 -13.09
C LYS B 48 -17.58 -17.45 -13.07
N GLN B 49 -16.43 -16.78 -13.19
CA GLN B 49 -15.11 -17.35 -12.88
C GLN B 49 -14.49 -16.46 -11.83
N ASN B 50 -13.42 -16.96 -11.20
CA ASN B 50 -12.55 -16.15 -10.36
C ASN B 50 -11.35 -15.65 -11.17
N VAL B 51 -10.78 -14.55 -10.68
CA VAL B 51 -9.50 -14.11 -11.17
C VAL B 51 -8.43 -14.62 -10.17
N VAL B 52 -7.26 -15.02 -10.73
CA VAL B 52 -6.02 -15.18 -9.97
C VAL B 52 -4.99 -14.20 -10.49
N ILE B 53 -4.48 -13.40 -9.57
CA ILE B 53 -3.40 -12.47 -9.86
C ILE B 53 -2.10 -12.91 -9.17
N MET B 54 -1.03 -12.87 -9.94
CA MET B 54 0.30 -13.30 -9.42
C MET B 54 1.41 -12.41 -9.96
N GLY B 55 2.47 -12.23 -9.16
CA GLY B 55 3.66 -11.57 -9.73
C GLY B 55 4.35 -12.42 -10.81
N ARG B 56 5.19 -11.75 -11.59
CA ARG B 56 5.90 -12.39 -12.70
C ARG B 56 6.80 -13.57 -12.28
N LYS B 57 7.52 -13.42 -11.16
CA LYS B 57 8.38 -14.50 -10.69
C LYS B 57 7.60 -15.75 -10.30
N THR B 58 6.40 -15.54 -9.74
CA THR B 58 5.54 -16.65 -9.31
C THR B 58 5.03 -17.39 -10.54
N TRP B 59 4.60 -16.62 -11.55
CA TRP B 59 4.18 -17.17 -12.87
C TRP B 59 5.28 -18.08 -13.46
N GLU B 60 6.49 -17.54 -13.51
CA GLU B 60 7.65 -18.25 -14.03
C GLU B 60 8.01 -19.54 -13.30
N SER B 61 7.57 -19.65 -12.06
CA SER B 61 7.81 -20.86 -11.32
C SER B 61 6.72 -21.91 -11.41
N ILE B 62 5.52 -21.57 -11.94
CA ILE B 62 4.53 -22.59 -12.17
C ILE B 62 4.98 -23.49 -13.35
N PRO B 63 4.91 -24.85 -13.20
CA PRO B 63 5.26 -25.74 -14.35
C PRO B 63 4.53 -25.35 -15.64
N GLN B 64 5.27 -25.26 -16.73
CA GLN B 64 4.68 -24.92 -18.03
C GLN B 64 3.45 -25.67 -18.47
N LYS B 65 3.33 -26.97 -18.13
CA LYS B 65 2.13 -27.73 -18.47
C LYS B 65 0.92 -27.31 -17.64
N PHE B 66 1.15 -26.59 -16.56
CA PHE B 66 0.06 -26.27 -15.63
C PHE B 66 -0.39 -24.79 -15.63
N ARG B 67 0.17 -24.00 -16.52
CA ARG B 67 -0.20 -22.58 -16.63
C ARG B 67 -0.59 -22.26 -18.09
N PRO B 68 -1.57 -21.34 -18.32
CA PRO B 68 -2.25 -20.63 -17.23
C PRO B 68 -3.13 -21.61 -16.38
N LEU B 69 -3.36 -21.26 -15.12
CA LEU B 69 -4.21 -22.07 -14.27
C LEU B 69 -5.58 -22.14 -14.92
N PRO B 70 -6.05 -23.37 -15.23
CA PRO B 70 -7.35 -23.63 -15.85
C PRO B 70 -8.59 -23.10 -15.13
N LYS B 71 -9.51 -22.58 -15.93
CA LYS B 71 -10.87 -22.25 -15.51
C LYS B 71 -10.89 -21.06 -14.54
N ARG B 72 -9.77 -20.33 -14.55
CA ARG B 72 -9.59 -19.04 -13.84
C ARG B 72 -8.99 -18.02 -14.81
N ILE B 73 -9.45 -16.77 -14.77
CA ILE B 73 -8.75 -15.68 -15.44
C ILE B 73 -7.39 -15.42 -14.75
N ASN B 74 -6.29 -15.64 -15.49
CA ASN B 74 -4.92 -15.38 -14.98
C ASN B 74 -4.43 -13.98 -15.32
N VAL B 75 -3.95 -13.28 -14.30
CA VAL B 75 -3.31 -12.01 -14.50
C VAL B 75 -1.89 -12.06 -13.96
N VAL B 76 -0.98 -11.70 -14.83
CA VAL B 76 0.46 -11.59 -14.46
C VAL B 76 0.92 -10.14 -14.47
N VAL B 77 1.58 -9.73 -13.37
CA VAL B 77 2.00 -8.38 -13.18
C VAL B 77 3.51 -8.25 -13.26
N SER B 78 3.95 -7.33 -14.10
CA SER B 78 5.39 -7.05 -14.30
C SER B 78 5.50 -5.59 -14.57
N ARG B 79 6.54 -4.92 -14.06
CA ARG B 79 6.73 -3.50 -14.39
C ARG B 79 7.15 -3.22 -15.82
N SER B 80 7.59 -4.25 -16.55
CA SER B 80 7.97 -4.20 -17.98
C SER B 80 6.82 -4.40 -18.97
N PHE B 81 5.61 -4.68 -18.46
CA PHE B 81 4.45 -4.81 -19.35
C PHE B 81 3.87 -3.42 -19.36
N ASP B 82 2.74 -3.12 -19.99
CA ASP B 82 2.59 -2.23 -21.16
C ASP B 82 1.50 -1.25 -20.65
N GLY B 83 0.48 -1.77 -19.92
CA GLY B 83 -0.41 -0.95 -19.07
C GLY B 83 -1.37 -1.97 -18.53
N GLU B 84 -2.59 -1.63 -18.16
CA GLU B 84 -2.96 -1.73 -16.75
C GLU B 84 -3.69 -3.12 -16.75
N LEU B 85 -4.16 -3.57 -17.92
CA LEU B 85 -4.85 -4.86 -18.09
C LEU B 85 -5.01 -5.22 -19.57
N ARG B 86 -4.07 -5.98 -20.13
CA ARG B 86 -4.04 -6.27 -21.56
C ARG B 86 -4.17 -7.80 -21.73
N LYS B 87 -5.05 -8.26 -22.65
CA LYS B 87 -5.10 -9.68 -22.99
C LYS B 87 -3.88 -9.94 -23.84
N VAL B 88 -3.07 -10.94 -23.48
CA VAL B 88 -1.91 -11.30 -24.31
C VAL B 88 -2.08 -12.69 -24.94
N GLU B 89 -2.97 -13.53 -24.40
CA GLU B 89 -3.17 -14.91 -24.87
C GLU B 89 -4.46 -15.39 -24.24
N ASP B 90 -4.98 -16.54 -24.70
CA ASP B 90 -6.22 -17.06 -24.14
C ASP B 90 -5.94 -17.39 -22.67
N GLY B 91 -6.79 -16.87 -21.78
CA GLY B 91 -6.65 -17.08 -20.34
C GLY B 91 -5.62 -16.22 -19.64
N ILE B 92 -4.89 -15.39 -20.37
CA ILE B 92 -3.76 -14.60 -19.83
C ILE B 92 -3.85 -13.10 -20.11
N TYR B 93 -3.94 -12.33 -19.00
CA TYR B 93 -3.77 -10.88 -18.98
C TYR B 93 -2.45 -10.48 -18.39
N HIS B 94 -1.86 -9.45 -18.99
CA HIS B 94 -0.65 -8.78 -18.46
C HIS B 94 -0.95 -7.40 -17.91
N SER B 95 -0.42 -7.09 -16.75
CA SER B 95 -0.58 -5.76 -16.16
C SER B 95 0.74 -5.23 -15.65
N ASN B 96 0.94 -3.94 -15.83
CA ASN B 96 2.13 -3.28 -15.28
C ASN B 96 1.90 -2.71 -13.89
N SER B 97 0.76 -3.06 -13.27
CA SER B 97 0.40 -2.46 -11.98
C SER B 97 -0.62 -3.30 -11.21
N LEU B 98 -0.25 -3.79 -10.03
CA LEU B 98 -1.19 -4.48 -9.07
C LEU B 98 -2.49 -3.64 -9.01
N ARG B 99 -2.38 -2.32 -8.79
CA ARG B 99 -3.25 -1.59 -7.91
C ARG B 99 -4.24 -1.19 -9.07
N ASN B 100 -3.68 -0.82 -10.21
CA ASN B 100 -4.55 -0.46 -11.36
C ASN B 100 -5.19 -1.70 -12.02
N CYS B 101 -4.54 -2.88 -11.98
CA CYS B 101 -5.28 -4.07 -12.46
C CYS B 101 -6.63 -4.24 -11.75
N LEU B 102 -6.78 -3.83 -10.49
CA LEU B 102 -7.46 -4.51 -9.46
C LEU B 102 -8.67 -3.49 -9.69
N THR B 103 -8.34 -2.20 -9.85
CA THR B 103 -9.33 -1.17 -10.28
C THR B 103 -10.04 -1.50 -11.64
N ALA B 104 -9.24 -1.82 -12.64
CA ALA B 104 -9.75 -2.21 -13.94
C ALA B 104 -10.63 -3.48 -13.84
N LEU B 105 -10.20 -4.46 -13.03
CA LEU B 105 -11.03 -5.65 -12.89
C LEU B 105 -12.38 -5.54 -12.14
N GLN B 106 -12.40 -4.75 -11.07
CA GLN B 106 -13.61 -3.95 -10.67
C GLN B 106 -14.64 -3.19 -11.48
N SER B 107 -14.28 -2.70 -12.64
CA SER B 107 -15.24 -2.02 -13.48
C SER B 107 -16.31 -3.01 -13.95
N SER B 108 -17.57 -2.72 -13.64
CA SER B 108 -18.65 -3.63 -14.02
C SER B 108 -18.96 -3.54 -15.52
N LEU B 109 -18.53 -2.44 -16.14
CA LEU B 109 -18.61 -2.35 -17.59
C LEU B 109 -17.62 -3.33 -18.24
N ALA B 110 -16.35 -3.28 -17.77
CA ALA B 110 -15.33 -4.19 -18.27
C ALA B 110 -15.68 -5.67 -18.03
N ASN B 111 -16.25 -5.94 -16.88
CA ASN B 111 -16.26 -7.32 -16.37
C ASN B 111 -17.66 -7.97 -16.25
N GLU B 112 -18.74 -7.17 -16.49
CA GLU B 112 -20.02 -7.72 -17.10
C GLU B 112 -20.68 -8.37 -15.86
N ASN B 113 -20.25 -7.94 -14.68
CA ASN B 113 -20.45 -8.69 -13.46
C ASN B 113 -20.26 -10.22 -13.53
N LYS B 114 -19.27 -10.72 -14.30
CA LYS B 114 -18.95 -12.17 -14.36
C LYS B 114 -17.65 -12.75 -13.69
N ILE B 115 -17.02 -11.99 -12.80
CA ILE B 115 -15.92 -12.39 -11.86
C ILE B 115 -16.80 -12.44 -10.62
N GLU B 116 -16.97 -13.59 -9.97
CA GLU B 116 -16.93 -13.78 -8.51
C GLU B 116 -16.01 -13.19 -7.50
N ARG B 117 -14.77 -13.71 -7.45
CA ARG B 117 -13.74 -13.19 -6.55
C ARG B 117 -12.43 -13.02 -7.30
N ILE B 118 -11.60 -12.15 -6.72
CA ILE B 118 -10.21 -11.89 -7.11
C ILE B 118 -9.27 -12.48 -5.99
N TYR B 119 -8.61 -13.57 -6.33
CA TYR B 119 -7.59 -14.20 -5.51
C TYR B 119 -6.25 -13.68 -5.94
N ILE B 120 -5.52 -13.21 -4.96
CA ILE B 120 -4.14 -12.81 -5.12
C ILE B 120 -3.28 -13.97 -4.60
N ILE B 121 -2.52 -14.53 -5.53
CA ILE B 121 -1.96 -15.88 -5.35
C ILE B 121 -0.45 -15.90 -5.23
N GLY B 122 0.16 -14.73 -5.07
CA GLY B 122 1.60 -14.64 -4.75
C GLY B 122 2.39 -13.80 -5.72
N GLY B 123 3.69 -13.57 -5.43
CA GLY B 123 4.37 -14.17 -4.29
C GLY B 123 4.67 -13.13 -3.24
N GLY B 124 5.88 -13.20 -2.67
CA GLY B 124 6.27 -12.40 -1.52
C GLY B 124 6.07 -10.90 -1.72
N GLU B 125 6.61 -10.40 -2.81
CA GLU B 125 6.57 -9.00 -3.14
C GLU B 125 5.12 -8.53 -3.39
N ILE B 126 4.35 -9.38 -4.07
CA ILE B 126 2.93 -9.13 -4.35
C ILE B 126 2.15 -9.14 -3.03
N TYR B 127 2.37 -10.13 -2.17
CA TYR B 127 1.69 -10.16 -0.86
C TYR B 127 1.97 -8.98 0.08
N ARG B 128 3.20 -8.51 0.12
CA ARG B 128 3.59 -7.24 0.79
C ARG B 128 2.67 -6.09 0.45
N GLN B 129 2.38 -5.97 -0.84
CA GLN B 129 1.60 -4.85 -1.37
C GLN B 129 0.08 -5.09 -1.21
N SER B 130 -0.33 -6.32 -0.89
CA SER B 130 -1.75 -6.63 -0.84
C SER B 130 -2.34 -6.50 0.56
N MET B 131 -1.53 -6.21 1.57
CA MET B 131 -2.07 -6.13 2.97
C MET B 131 -3.13 -5.04 2.99
N ASP B 132 -2.85 -3.99 2.24
CA ASP B 132 -3.78 -2.90 2.22
C ASP B 132 -4.83 -2.97 1.16
N LEU B 133 -4.82 -3.99 0.33
CA LEU B 133 -5.78 -4.09 -0.75
C LEU B 133 -6.77 -5.24 -0.48
N ALA B 134 -6.35 -6.33 0.18
CA ALA B 134 -7.22 -7.47 0.38
C ALA B 134 -8.31 -7.24 1.39
N ASP B 135 -9.46 -7.84 1.15
CA ASP B 135 -10.56 -7.81 2.08
C ASP B 135 -10.42 -8.95 3.10
N HIS B 136 -9.79 -10.06 2.68
CA HIS B 136 -9.73 -11.27 3.46
C HIS B 136 -8.41 -11.91 3.09
N TRP B 137 -7.95 -12.83 3.92
CA TRP B 137 -6.84 -13.72 3.57
C TRP B 137 -7.21 -15.16 3.90
N LEU B 138 -7.02 -16.04 2.96
CA LEU B 138 -7.08 -17.48 3.22
C LEU B 138 -5.63 -17.96 3.38
N ILE B 139 -5.30 -18.38 4.58
CA ILE B 139 -3.93 -18.74 4.95
C ILE B 139 -3.96 -20.15 5.44
N THR B 140 -3.22 -21.02 4.74
CA THR B 140 -2.91 -22.35 5.25
C THR B 140 -1.71 -22.28 6.22
N LYS B 141 -1.95 -22.59 7.47
CA LYS B 141 -0.91 -22.45 8.44
C LYS B 141 -0.27 -23.85 8.59
N ILE B 142 0.99 -23.93 8.24
CA ILE B 142 1.68 -25.20 8.11
C ILE B 142 2.66 -25.34 9.32
N MET B 143 2.67 -26.52 9.95
CA MET B 143 3.52 -26.83 11.06
C MET B 143 4.23 -28.14 10.81
N PRO B 144 5.56 -28.18 10.96
CA PRO B 144 6.31 -29.48 10.91
C PRO B 144 5.87 -30.31 12.12
N LEU B 145 5.49 -31.56 11.89
CA LEU B 145 5.21 -32.50 12.97
C LEU B 145 6.55 -32.72 13.74
N PRO B 146 6.51 -33.21 15.00
CA PRO B 146 7.73 -33.43 15.81
C PRO B 146 8.99 -34.00 15.10
N GLU B 147 8.85 -35.04 14.25
CA GLU B 147 10.03 -35.64 13.50
C GLU B 147 10.60 -34.81 12.31
N THR B 148 9.87 -33.78 11.87
CA THR B 148 10.08 -33.10 10.58
C THR B 148 11.17 -32.02 10.81
N THR B 149 12.31 -32.14 10.14
CA THR B 149 12.96 -30.94 9.53
C THR B 149 12.18 -29.70 9.10
N ILE B 150 12.41 -28.57 9.75
CA ILE B 150 11.91 -27.31 9.20
C ILE B 150 12.65 -27.05 7.87
N PRO B 151 11.90 -26.82 6.77
CA PRO B 151 12.59 -26.57 5.51
C PRO B 151 13.27 -25.19 5.55
N GLN B 152 14.32 -24.99 4.77
CA GLN B 152 14.92 -23.67 4.61
C GLN B 152 14.00 -22.77 3.78
N MET B 153 13.97 -21.47 4.11
CA MET B 153 13.05 -20.51 3.48
C MET B 153 13.70 -19.13 3.38
N ASP B 154 13.33 -18.40 2.33
CA ASP B 154 13.90 -17.09 2.11
C ASP B 154 12.82 -16.02 1.85
N THR B 155 11.55 -16.39 1.96
CA THR B 155 10.44 -15.50 1.56
C THR B 155 9.37 -15.72 2.60
N PHE B 156 8.79 -14.60 3.08
CA PHE B 156 7.93 -14.62 4.25
C PHE B 156 6.69 -13.73 4.05
N LEU B 157 5.56 -14.19 4.60
CA LEU B 157 4.38 -13.39 4.79
C LEU B 157 4.69 -12.35 5.91
N GLN B 158 4.24 -11.12 5.73
CA GLN B 158 4.38 -10.08 6.77
C GLN B 158 3.32 -10.26 7.84
N LYS B 159 3.68 -11.04 8.87
CA LYS B 159 2.75 -11.46 9.90
C LYS B 159 2.34 -10.25 10.76
N GLN B 160 3.28 -9.31 10.98
CA GLN B 160 2.99 -8.09 11.76
C GLN B 160 1.82 -7.34 11.10
N GLU B 161 1.95 -7.04 9.81
CA GLU B 161 0.95 -6.25 9.09
C GLU B 161 -0.37 -6.97 8.99
N LEU B 162 -0.34 -8.29 8.78
CA LEU B 162 -1.51 -9.13 8.79
C LEU B 162 -2.25 -8.96 10.15
N GLU B 163 -1.51 -9.09 11.25
CA GLU B 163 -2.16 -8.99 12.58
C GLU B 163 -2.62 -7.58 13.01
N GLN B 164 -1.97 -6.52 12.50
CA GLN B 164 -2.48 -5.16 12.69
C GLN B 164 -3.83 -4.99 11.97
N ARG B 165 -4.00 -5.57 10.77
CA ARG B 165 -5.17 -5.19 9.94
C ARG B 165 -6.33 -6.17 9.95
N PHE B 166 -6.06 -7.45 10.27
CA PHE B 166 -7.00 -8.52 10.07
C PHE B 166 -7.09 -9.31 11.37
N TYR B 167 -8.20 -9.99 11.57
CA TYR B 167 -8.37 -10.79 12.76
C TYR B 167 -8.63 -12.20 12.26
N ASP B 168 -8.39 -13.19 13.10
CA ASP B 168 -8.62 -14.58 12.71
C ASP B 168 -10.10 -14.89 12.71
N ASN B 169 -10.66 -15.04 11.52
CA ASN B 169 -12.10 -15.26 11.37
C ASN B 169 -12.41 -16.71 10.97
N SER B 170 -11.56 -17.64 11.42
CA SER B 170 -11.66 -19.03 10.89
C SER B 170 -12.96 -19.74 11.30
N ASP B 171 -13.66 -19.18 12.29
CA ASP B 171 -15.03 -19.61 12.66
C ASP B 171 -15.98 -19.48 11.50
N LYS B 172 -15.64 -18.62 10.54
CA LYS B 172 -16.49 -18.40 9.42
C LYS B 172 -15.90 -19.04 8.15
N LEU B 173 -14.80 -19.80 8.28
CA LEU B 173 -14.17 -20.32 7.05
C LEU B 173 -15.12 -21.17 6.15
N VAL B 174 -15.76 -22.17 6.73
CA VAL B 174 -16.68 -23.02 5.98
C VAL B 174 -17.72 -22.24 5.18
N ASP B 175 -18.40 -21.31 5.84
CA ASP B 175 -19.41 -20.44 5.20
C ASP B 175 -18.78 -19.65 4.08
N PHE B 176 -17.54 -19.21 4.30
CA PHE B 176 -16.87 -18.32 3.34
C PHE B 176 -16.48 -19.04 2.07
N LEU B 177 -16.13 -20.33 2.15
CA LEU B 177 -15.77 -21.08 0.93
C LEU B 177 -16.92 -21.44 -0.03
N PRO B 178 -16.59 -21.52 -1.34
CA PRO B 178 -17.56 -21.80 -2.37
C PRO B 178 -18.29 -23.05 -1.92
N SER B 179 -19.56 -23.19 -2.22
CA SER B 179 -20.38 -24.07 -1.39
C SER B 179 -20.21 -25.55 -1.67
N SER B 180 -19.58 -25.88 -2.78
CA SER B 180 -19.44 -27.28 -3.14
C SER B 180 -18.08 -27.86 -2.77
N ILE B 181 -17.24 -27.07 -2.10
CA ILE B 181 -15.96 -27.59 -1.59
C ILE B 181 -16.27 -28.49 -0.39
N GLN B 182 -15.52 -29.57 -0.22
CA GLN B 182 -15.63 -30.33 1.04
C GLN B 182 -14.28 -30.54 1.69
N LEU B 183 -14.26 -30.32 3.00
CA LEU B 183 -13.05 -30.42 3.79
C LEU B 183 -13.21 -31.67 4.64
N GLU B 184 -12.09 -32.23 5.10
CA GLU B 184 -12.10 -33.34 6.05
C GLU B 184 -12.20 -32.89 7.53
N GLY B 185 -11.52 -31.79 7.94
CA GLY B 185 -11.72 -31.12 9.31
C GLY B 185 -13.20 -31.25 9.76
N ARG B 186 -13.53 -31.41 11.06
CA ARG B 186 -13.68 -30.36 12.14
C ARG B 186 -12.77 -29.15 12.29
N LEU B 187 -13.32 -27.93 12.17
CA LEU B 187 -12.97 -26.92 13.26
C LEU B 187 -12.46 -27.11 14.70
N THR B 188 -11.32 -26.45 15.03
CA THR B 188 -10.16 -27.06 15.82
C THR B 188 -9.30 -25.85 16.21
N SER B 189 -9.09 -25.67 17.51
CA SER B 189 -8.13 -24.68 18.10
C SER B 189 -7.02 -25.42 18.86
N GLN B 190 -5.77 -25.21 18.47
CA GLN B 190 -4.64 -25.94 19.02
C GLN B 190 -3.64 -24.88 19.34
N GLU B 191 -3.04 -24.97 20.52
CA GLU B 191 -1.85 -24.20 20.78
C GLU B 191 -0.61 -24.76 20.09
N TRP B 192 0.15 -23.87 19.44
CA TRP B 192 1.42 -24.25 18.84
C TRP B 192 2.48 -23.15 18.95
N ASN B 193 3.53 -23.43 19.71
CA ASN B 193 4.71 -22.53 19.96
C ASN B 193 4.63 -20.99 20.09
N GLY B 194 3.75 -20.34 20.86
CA GLY B 194 2.65 -20.83 21.67
C GLY B 194 1.60 -19.77 21.25
N GLU B 195 1.33 -19.78 19.94
CA GLU B 195 0.20 -19.08 19.33
C GLU B 195 -1.03 -20.00 19.14
N LEU B 196 -2.21 -19.40 19.21
CA LEU B 196 -3.47 -20.06 18.90
C LEU B 196 -3.63 -20.31 17.38
N VAL B 197 -3.93 -21.56 17.05
CA VAL B 197 -4.14 -21.93 15.68
C VAL B 197 -5.41 -22.73 15.44
N LYS B 198 -6.25 -22.36 14.48
CA LYS B 198 -7.71 -22.27 14.51
C LYS B 198 -8.11 -22.37 12.99
N GLY B 199 -8.79 -23.45 12.63
CA GLY B 199 -9.43 -23.72 11.31
C GLY B 199 -9.30 -25.22 11.25
N LEU B 200 -8.90 -25.79 10.12
CA LEU B 200 -9.59 -26.91 9.58
C LEU B 200 -8.51 -27.93 9.20
N PRO B 201 -8.26 -28.95 10.04
CA PRO B 201 -6.90 -29.45 10.19
C PRO B 201 -6.71 -30.55 9.07
N VAL B 202 -5.49 -30.67 8.55
CA VAL B 202 -5.11 -31.73 7.62
C VAL B 202 -3.65 -32.12 7.96
N GLN B 203 -3.30 -33.39 7.72
CA GLN B 203 -1.94 -33.89 7.85
C GLN B 203 -1.51 -34.56 6.56
N GLU B 204 -0.30 -34.28 6.10
CA GLU B 204 0.22 -34.88 4.89
C GLU B 204 1.75 -34.80 4.94
N LYS B 205 2.41 -35.89 4.50
CA LYS B 205 3.84 -36.11 4.63
C LYS B 205 4.32 -35.66 6.02
N GLY B 206 5.35 -34.83 6.17
CA GLY B 206 5.80 -34.55 7.57
C GLY B 206 5.11 -33.37 8.29
N TYR B 207 3.96 -32.91 7.76
CA TYR B 207 3.32 -31.67 8.19
C TYR B 207 1.90 -31.83 8.65
N GLN B 208 1.53 -30.96 9.59
CA GLN B 208 0.17 -30.74 9.89
C GLN B 208 -0.18 -29.31 9.41
N PHE B 209 -1.37 -29.12 8.85
CA PHE B 209 -1.74 -27.77 8.42
C PHE B 209 -3.21 -27.49 8.62
N TYR B 210 -3.52 -26.20 8.80
CA TYR B 210 -4.85 -25.72 9.09
C TYR B 210 -5.22 -24.69 8.02
N PHE B 211 -6.36 -24.90 7.39
CA PHE B 211 -7.01 -23.88 6.58
C PHE B 211 -7.69 -22.85 7.52
N THR B 212 -7.29 -21.59 7.39
CA THR B 212 -7.82 -20.46 8.21
C THR B 212 -8.28 -19.29 7.31
N LEU B 213 -9.10 -18.41 7.88
CA LEU B 213 -9.62 -17.19 7.26
C LEU B 213 -9.34 -16.00 8.14
N TYR B 214 -8.69 -15.00 7.56
CA TYR B 214 -8.50 -13.74 8.20
C TYR B 214 -9.36 -12.71 7.47
N THR B 215 -9.98 -11.85 8.26
CA THR B 215 -10.95 -10.82 7.80
C THR B 215 -10.51 -9.45 8.32
N LYS B 216 -10.74 -8.38 7.53
CA LYS B 216 -10.37 -6.99 7.91
C LYS B 216 -11.04 -6.59 9.24
N LYS B 217 -10.26 -6.02 10.16
CA LYS B 217 -10.79 -5.58 11.47
C LYS B 217 -11.79 -4.45 11.22
N LEU B 218 -12.76 -4.32 12.12
CA LEU B 218 -13.74 -3.23 12.08
C LEU B 218 -12.94 -1.88 12.06
N GLU B 219 -13.40 -0.92 11.25
CA GLU B 219 -12.84 0.42 11.16
C GLU B 219 -13.75 1.55 11.73
N HIS B 220 -13.15 2.50 12.46
CA HIS B 220 -13.81 3.73 12.90
C HIS B 220 -14.20 4.59 11.70
N HIS B 221 -15.29 5.36 11.86
CA HIS B 221 -15.74 6.33 10.85
C HIS B 221 -15.04 7.69 11.07
N HIS B 222 -13.97 7.89 10.34
CA HIS B 222 -13.21 9.12 10.46
C HIS B 222 -13.63 10.10 9.39
N HIS B 223 -13.80 9.61 8.17
CA HIS B 223 -14.18 10.50 7.06
C HIS B 223 -14.89 9.76 5.96
N HIS B 224 -15.96 10.37 5.46
CA HIS B 224 -16.61 9.89 4.24
C HIS B 224 -16.62 11.04 3.22
N HIS B 225 -16.13 10.79 2.01
CA HIS B 225 -15.98 11.88 1.04
C HIS B 225 -17.32 12.46 0.63
N HIS B 226 -17.48 13.78 0.82
CA HIS B 226 -18.64 14.53 0.27
C HIS B 226 -18.34 15.46 -0.91
N HIS B 227 -19.30 15.57 -1.82
CA HIS B 227 -19.15 16.40 -3.04
C HIS B 227 -19.43 17.89 -2.80
PA NDP C . 0.13 12.10 -9.86
O1A NDP C . -0.09 11.34 -8.60
O2A NDP C . 0.91 13.32 -9.73
O5B NDP C . 0.64 11.22 -11.05
C5B NDP C . 0.03 9.98 -11.33
C4B NDP C . 1.02 9.21 -12.20
O4B NDP C . 2.20 8.76 -11.50
C3B NDP C . 0.42 7.95 -12.83
O3B NDP C . -0.47 8.23 -13.90
C2B NDP C . 1.71 7.20 -13.20
O2B NDP C . 2.33 7.79 -14.31
C1B NDP C . 2.64 7.52 -12.03
N9A NDP C . 2.52 6.56 -10.93
C8A NDP C . 1.50 6.46 -10.01
N7A NDP C . 1.80 5.42 -9.17
C5A NDP C . 2.95 4.87 -9.55
C6A NDP C . 3.73 3.82 -9.03
N6A NDP C . 3.39 3.08 -7.96
N1A NDP C . 4.89 3.55 -9.69
C2A NDP C . 5.31 4.20 -10.83
N3A NDP C . 4.54 5.25 -11.31
C4A NDP C . 3.40 5.59 -10.67
O3 NDP C . -1.32 12.47 -10.45
PN NDP C . -2.82 12.77 -9.99
O1N NDP C . -3.47 13.07 -11.24
O2N NDP C . -3.43 11.77 -9.12
O5D NDP C . -2.62 14.08 -9.09
C5D NDP C . -2.39 15.34 -9.71
C4D NDP C . -3.22 16.41 -9.01
O4D NDP C . -2.73 16.52 -7.69
C3D NDP C . -3.09 17.78 -9.67
O3D NDP C . -4.37 18.41 -9.56
C2D NDP C . -2.19 18.55 -8.74
O2D NDP C . -2.50 19.93 -8.69
C1D NDP C . -2.45 17.88 -7.37
N1N NDP C . -1.33 18.09 -6.44
C2N NDP C . -1.60 18.78 -5.29
C3N NDP C . -0.63 19.08 -4.36
C7N NDP C . -1.06 19.78 -3.07
O7N NDP C . -0.19 19.82 -2.00
N7N NDP C . -2.24 20.44 -2.96
C4N NDP C . 0.72 18.65 -4.61
C5N NDP C . 1.00 17.92 -5.79
C6N NDP C . -0.01 17.66 -6.72
P2B NDP C . 2.15 7.28 -15.83
O1X NDP C . 0.67 7.61 -16.12
O2X NDP C . 3.10 8.10 -16.70
O3X NDP C . 2.55 5.83 -15.89
C6 53S D . 3.07 21.36 -2.46
C5 53S D . 2.77 22.65 -1.99
C2 53S D . 0.10 21.07 -9.37
C20 53S D . 6.04 25.12 -8.50
C21 53S D . 6.60 26.39 -8.69
C22 53S D . 5.83 27.53 -9.05
C26 53S D . 6.51 28.92 -9.24
C23 53S D . 4.43 27.40 -9.20
C24 53S D . 3.87 26.12 -9.00
C25 53S D . 4.67 24.98 -8.66
C18 53S D . 4.00 23.75 -8.48
C19 53S D . 4.38 22.83 -7.44
C17 53S D . 2.89 23.48 -9.33
C16 53S D . 2.15 22.30 -9.20
O17 53S D . 1.06 22.00 -10.03
C15 53S D . 2.54 21.39 -8.20
C14 53S D . 3.62 21.65 -7.34
C12 53S D . 3.87 20.53 -6.36
C13 53S D . 5.25 19.84 -6.57
C11 53S D . 3.62 20.93 -4.96
C10 53S D . 3.36 21.14 -3.83
C8 53S D . 2.69 23.93 -2.90
N4 53S D . 2.51 22.77 -0.68
C3 53S D . 2.56 21.72 0.19
N7 53S D . 2.35 21.95 1.51
N2 53S D . 2.88 20.51 -0.25
C1 53S D . 3.11 20.25 -1.55
N9 53S D . 3.41 19.03 -1.93
PA NDP E . 6.59 -12.32 -7.00
O1A NDP E . 5.94 -11.52 -5.93
O2A NDP E . 5.84 -13.52 -7.41
O5B NDP E . 7.02 -11.43 -8.25
C5B NDP E . 7.72 -10.19 -8.06
C4B NDP E . 7.65 -9.43 -9.40
O4B NDP E . 6.33 -9.01 -9.69
C3B NDP E . 8.51 -8.17 -9.49
O3B NDP E . 9.90 -8.52 -9.73
C2B NDP E . 7.79 -7.44 -10.61
O2B NDP E . 8.13 -8.08 -11.80
C1B NDP E . 6.31 -7.79 -10.43
N9A NDP E . 5.63 -6.81 -9.54
C8A NDP E . 5.74 -6.71 -8.19
N7A NDP E . 4.99 -5.68 -7.77
C5A NDP E . 4.36 -5.11 -8.83
C6A NDP E . 3.46 -4.06 -8.98
N6A NDP E . 2.97 -3.29 -8.03
N1A NDP E . 3.03 -3.81 -10.23
C2A NDP E . 3.49 -4.48 -11.34
N3A NDP E . 4.39 -5.50 -11.16
C4A NDP E . 4.79 -5.83 -9.93
O3 NDP E . 8.04 -12.64 -6.44
PN NDP E . 8.78 -13.00 -5.08
O1N NDP E . 10.13 -13.37 -5.49
O2N NDP E . 8.67 -11.89 -4.10
O5D NDP E . 7.93 -14.25 -4.55
C5D NDP E . 8.01 -15.52 -5.19
C4D NDP E . 8.30 -16.51 -4.06
O4D NDP E . 7.09 -16.67 -3.35
C3D NDP E . 8.74 -17.90 -4.55
O3D NDP E . 9.57 -18.48 -3.56
C2D NDP E . 7.43 -18.63 -4.52
O2D NDP E . 7.56 -20.01 -4.37
C1D NDP E . 6.70 -18.01 -3.30
N1N NDP E . 5.24 -18.18 -3.37
C2N NDP E . 4.63 -18.77 -2.32
C3N NDP E . 3.27 -19.02 -2.29
C7N NDP E . 2.67 -19.80 -1.11
O7N NDP E . 1.31 -19.91 -0.95
N7N NDP E . 3.38 -20.45 -0.19
C4N NDP E . 2.47 -18.63 -3.42
C5N NDP E . 3.09 -18.00 -4.52
C6N NDP E . 4.48 -17.78 -4.52
P2B NDP E . 9.25 -7.56 -12.84
O1X NDP E . 10.53 -7.89 -12.11
O2X NDP E . 8.97 -8.29 -14.15
O3X NDP E . 9.07 -6.09 -13.13
C6 53S F . -0.72 -21.47 -3.53
C5 53S F . -0.80 -22.75 -2.93
C2 53S F . 6.12 -21.04 -6.54
C20 53S F . 1.31 -25.49 -9.72
C21 53S F . 1.05 -26.80 -10.19
C22 53S F . 1.96 -27.85 -9.95
C26 53S F . 1.67 -29.30 -10.47
C23 53S F . 3.14 -27.61 -9.21
C24 53S F . 3.37 -26.31 -8.73
C25 53S F . 2.48 -25.25 -9.00
C18 53S F . 2.78 -24.00 -8.46
C19 53S F . 1.78 -23.11 -8.01
C17 53S F . 4.16 -23.68 -8.30
C16 53S F . 4.57 -22.45 -7.72
O17 53S F . 5.91 -22.11 -7.57
C15 53S F . 3.55 -21.58 -7.30
C14 53S F . 2.20 -21.89 -7.44
C12 53S F . 1.36 -20.76 -6.93
C13 53S F . 0.62 -19.96 -7.98
C11 53S F . 0.58 -21.10 -5.73
C10 53S F . 0.00 -21.30 -4.74
C8 53S F . -0.12 -24.06 -3.48
N4 53S F . -1.52 -22.83 -1.80
C3 53S F . -2.15 -21.79 -1.22
N7 53S F . -2.84 -22.04 -0.10
N2 53S F . -2.10 -20.57 -1.77
C1 53S F . -1.40 -20.35 -2.91
N9 53S F . -1.38 -19.13 -3.41
#